data_4HI7
#
_entry.id   4HI7
#
_cell.length_a   50.700
_cell.length_b   50.700
_cell.length_c   289.473
_cell.angle_alpha   90.000
_cell.angle_beta   90.000
_cell.angle_gamma   120.000
#
_symmetry.space_group_name_H-M   'P 31 2 1'
#
loop_
_entity.id
_entity.type
_entity.pdbx_description
1 polymer GI20122
2 non-polymer GLUTATHIONE
3 water water
#
_entity_poly.entity_id   1
_entity_poly.type   'polypeptide(L)'
_entity_poly.pdbx_seq_one_letter_code
;MVKPILYGIDASPPVRAVKLTLAALQLPYDYKIVNLMNKEQHSEEYLKKNPQHTVPLLEDGDANIADSHAIMAYLVSKYG
KDDSLYPKDLVKRALVDNRMYFESGVVFANALRSLAKMILFLGKTEVPQERIDAITEAYDFVEAFFKDQTYVAGNQLTIA
DFSLISSISSLVAFVPVDAAKYPKLSAWIKRLEQLPYYAENSTGAQQFVAAVKSKPFTVVGAENLYFQ
;
_entity_poly.pdbx_strand_id   A,B
#
loop_
_chem_comp.id
_chem_comp.type
_chem_comp.name
_chem_comp.formula
GSH non-polymer GLUTATHIONE 'C10 H17 N3 O6 S'
#
# COMPACT_ATOMS: atom_id res chain seq x y z
N LYS A 3 -10.54 23.68 -13.09
CA LYS A 3 -10.85 22.72 -12.02
C LYS A 3 -10.23 21.35 -12.25
N PRO A 4 -9.70 20.75 -11.18
CA PRO A 4 -9.32 19.34 -11.27
C PRO A 4 -10.54 18.49 -11.63
N ILE A 5 -10.27 17.31 -12.19
CA ILE A 5 -11.29 16.34 -12.50
C ILE A 5 -11.00 15.04 -11.75
N LEU A 6 -12.02 14.54 -11.06
CA LEU A 6 -11.88 13.31 -10.32
C LEU A 6 -12.74 12.25 -10.95
N TYR A 7 -12.14 11.11 -11.22
CA TYR A 7 -12.88 9.97 -11.77
C TYR A 7 -13.14 8.96 -10.67
N GLY A 8 -14.40 8.52 -10.50
CA GLY A 8 -14.70 7.60 -9.43
C GLY A 8 -16.17 7.20 -9.36
N ILE A 9 -16.52 6.54 -8.25
CA ILE A 9 -17.90 6.29 -7.91
C ILE A 9 -17.99 6.30 -6.41
N ASP A 10 -19.11 6.75 -5.83
CA ASP A 10 -19.11 7.03 -4.38
C ASP A 10 -18.98 5.77 -3.56
N ALA A 11 -19.42 4.64 -4.10
CA ALA A 11 -19.31 3.43 -3.32
C ALA A 11 -17.86 2.98 -3.08
N SER A 12 -16.93 3.42 -3.93
CA SER A 12 -15.52 3.02 -3.81
C SER A 12 -14.83 3.69 -2.59
N PRO A 13 -14.26 2.88 -1.69
CA PRO A 13 -13.56 3.51 -0.56
C PRO A 13 -12.45 4.52 -0.95
N PRO A 14 -11.50 4.14 -1.83
CA PRO A 14 -10.43 5.13 -2.08
C PRO A 14 -10.94 6.37 -2.77
N VAL A 15 -12.02 6.26 -3.58
CA VAL A 15 -12.64 7.45 -4.08
C VAL A 15 -13.13 8.37 -2.96
N ARG A 16 -13.79 7.77 -1.98
CA ARG A 16 -14.30 8.55 -0.88
C ARG A 16 -13.20 9.22 -0.03
N ALA A 17 -12.06 8.56 0.13
CA ALA A 17 -10.93 9.24 0.80
C ALA A 17 -10.57 10.52 0.04
N VAL A 18 -10.50 10.45 -1.28
CA VAL A 18 -10.20 11.64 -2.05
C VAL A 18 -11.30 12.70 -1.92
N LYS A 19 -12.56 12.28 -1.97
N LYS A 19 -12.57 12.30 -1.99
CA LYS A 19 -13.68 13.21 -1.86
CA LYS A 19 -13.66 13.24 -1.84
C LYS A 19 -13.67 13.95 -0.53
C LYS A 19 -13.63 13.96 -0.53
N LEU A 20 -13.31 13.25 0.55
CA LEU A 20 -13.17 13.88 1.83
C LEU A 20 -12.07 14.95 1.77
N THR A 21 -10.96 14.61 1.14
CA THR A 21 -9.82 15.54 1.05
C THR A 21 -10.17 16.82 0.29
N LEU A 22 -10.83 16.64 -0.84
CA LEU A 22 -11.27 17.77 -1.65
C LEU A 22 -12.20 18.67 -0.83
N ALA A 23 -13.09 18.07 -0.03
CA ALA A 23 -14.00 18.85 0.78
C ALA A 23 -13.26 19.59 1.88
N ALA A 24 -12.28 18.92 2.48
CA ALA A 24 -11.51 19.53 3.55
C ALA A 24 -10.74 20.74 3.04
N LEU A 25 -10.29 20.65 1.80
CA LEU A 25 -9.51 21.69 1.18
C LEU A 25 -10.38 22.79 0.54
N GLN A 26 -11.69 22.56 0.46
CA GLN A 26 -12.62 23.49 -0.24
C GLN A 26 -12.18 23.72 -1.68
N LEU A 27 -11.75 22.65 -2.32
CA LEU A 27 -11.27 22.74 -3.69
C LEU A 27 -12.34 22.25 -4.65
N PRO A 28 -12.91 23.16 -5.45
CA PRO A 28 -13.95 22.70 -6.40
C PRO A 28 -13.35 21.82 -7.51
N TYR A 29 -14.15 20.86 -7.97
CA TYR A 29 -13.67 19.85 -8.90
C TYR A 29 -14.84 19.36 -9.71
N ASP A 30 -14.54 18.86 -10.90
CA ASP A 30 -15.52 18.14 -11.70
C ASP A 30 -15.46 16.65 -11.39
N TYR A 31 -16.60 16.04 -11.12
CA TYR A 31 -16.64 14.62 -10.77
C TYR A 31 -17.24 13.81 -11.90
N LYS A 32 -16.52 12.81 -12.39
CA LYS A 32 -16.97 12.05 -13.54
C LYS A 32 -17.15 10.65 -13.04
N ILE A 33 -18.36 10.13 -13.17
N ILE A 33 -18.37 10.13 -13.14
CA ILE A 33 -18.70 8.83 -12.61
CA ILE A 33 -18.69 8.85 -12.55
C ILE A 33 -18.23 7.73 -13.53
C ILE A 33 -18.27 7.72 -13.49
N VAL A 34 -17.44 6.81 -12.99
CA VAL A 34 -17.03 5.64 -13.74
C VAL A 34 -17.67 4.45 -13.02
N ASN A 35 -18.70 3.87 -13.63
CA ASN A 35 -19.42 2.79 -13.00
C ASN A 35 -18.72 1.46 -13.20
N LEU A 36 -18.19 0.90 -12.12
CA LEU A 36 -17.40 -0.32 -12.16
C LEU A 36 -18.27 -1.57 -12.41
N MET A 37 -19.52 -1.50 -11.96
CA MET A 37 -20.41 -2.64 -12.11
C MET A 37 -20.73 -2.87 -13.60
N ASN A 38 -20.68 -1.78 -14.35
CA ASN A 38 -20.90 -1.79 -15.78
C ASN A 38 -19.60 -1.80 -16.59
N LYS A 39 -18.49 -1.96 -15.88
CA LYS A 39 -17.17 -2.18 -16.48
C LYS A 39 -16.68 -0.96 -17.28
N GLU A 40 -17.17 0.22 -16.91
CA GLU A 40 -16.75 1.47 -17.54
C GLU A 40 -15.25 1.78 -17.40
N GLN A 41 -14.58 1.15 -16.44
CA GLN A 41 -13.13 1.39 -16.31
C GLN A 41 -12.40 0.68 -17.44
N HIS A 42 -13.09 -0.17 -18.18
CA HIS A 42 -12.47 -0.92 -19.29
C HIS A 42 -12.74 -0.32 -20.68
N SER A 43 -13.34 0.88 -20.72
CA SER A 43 -13.62 1.56 -21.99
C SER A 43 -12.30 2.00 -22.60
N GLU A 44 -12.27 2.10 -23.93
CA GLU A 44 -11.03 2.50 -24.63
C GLU A 44 -10.55 3.84 -24.11
N GLU A 45 -11.49 4.74 -23.86
CA GLU A 45 -11.13 6.06 -23.35
C GLU A 45 -10.57 6.02 -21.92
N TYR A 46 -11.20 5.25 -21.02
CA TYR A 46 -10.65 5.21 -19.67
C TYR A 46 -9.33 4.44 -19.59
N LEU A 47 -9.18 3.38 -20.37
CA LEU A 47 -7.92 2.64 -20.36
C LEU A 47 -6.77 3.53 -20.82
N LYS A 48 -7.06 4.44 -21.74
CA LYS A 48 -6.08 5.42 -22.21
C LYS A 48 -5.63 6.32 -21.06
N LYS A 49 -6.58 6.74 -20.23
CA LYS A 49 -6.26 7.60 -19.09
C LYS A 49 -5.54 6.85 -17.96
N ASN A 50 -5.86 5.58 -17.83
CA ASN A 50 -5.33 4.80 -16.72
C ASN A 50 -5.35 3.33 -17.10
N PRO A 51 -4.21 2.83 -17.62
CA PRO A 51 -4.15 1.43 -18.04
C PRO A 51 -4.40 0.40 -16.93
N GLN A 52 -4.34 0.80 -15.67
CA GLN A 52 -4.61 -0.12 -14.54
C GLN A 52 -6.11 -0.31 -14.32
N HIS A 53 -6.90 0.45 -15.08
CA HIS A 53 -8.36 0.50 -14.94
C HIS A 53 -8.85 0.60 -13.49
N THR A 54 -8.27 1.55 -12.75
CA THR A 54 -8.69 1.75 -11.38
C THR A 54 -9.25 3.14 -11.19
N VAL A 55 -10.05 3.30 -10.13
CA VAL A 55 -10.43 4.63 -9.62
C VAL A 55 -10.03 4.68 -8.15
N PRO A 56 -9.72 5.86 -7.60
CA PRO A 56 -9.81 7.19 -8.24
C PRO A 56 -8.68 7.49 -9.20
N LEU A 57 -8.96 8.40 -10.12
CA LEU A 57 -7.96 9.03 -10.96
C LEU A 57 -8.22 10.53 -10.90
N LEU A 58 -7.16 11.34 -10.74
CA LEU A 58 -7.24 12.80 -10.80
C LEU A 58 -6.53 13.35 -12.01
N GLU A 59 -7.18 14.25 -12.72
CA GLU A 59 -6.50 14.98 -13.76
C GLU A 59 -6.47 16.41 -13.24
N ASP A 60 -5.32 17.07 -13.35
CA ASP A 60 -5.22 18.44 -12.93
C ASP A 60 -4.39 19.21 -13.95
N GLY A 61 -5.04 20.03 -14.77
CA GLY A 61 -4.38 20.65 -15.91
C GLY A 61 -3.89 19.51 -16.80
N ASP A 62 -2.63 19.56 -17.21
CA ASP A 62 -2.12 18.47 -18.05
C ASP A 62 -1.57 17.29 -17.21
N ALA A 63 -1.70 17.34 -15.88
CA ALA A 63 -1.17 16.28 -15.00
C ALA A 63 -2.17 15.16 -14.70
N ASN A 64 -1.63 13.98 -14.39
CA ASN A 64 -2.46 12.81 -14.16
C ASN A 64 -1.90 12.15 -12.90
N ILE A 65 -2.76 11.86 -11.91
CA ILE A 65 -2.31 11.20 -10.67
C ILE A 65 -3.33 10.14 -10.31
N ALA A 66 -2.85 8.92 -10.16
CA ALA A 66 -3.70 7.82 -9.72
C ALA A 66 -3.22 7.40 -8.35
N ASP A 67 -4.04 6.60 -7.68
CA ASP A 67 -3.89 6.09 -6.29
C ASP A 67 -4.36 7.11 -5.27
N SER A 68 -5.38 6.76 -4.48
CA SER A 68 -5.99 7.72 -3.55
C SER A 68 -4.96 8.37 -2.65
N HIS A 69 -3.94 7.61 -2.24
CA HIS A 69 -3.00 8.13 -1.25
C HIS A 69 -2.05 9.12 -1.91
N ALA A 70 -1.64 8.78 -3.12
CA ALA A 70 -0.83 9.70 -3.92
C ALA A 70 -1.61 10.96 -4.22
N ILE A 71 -2.86 10.80 -4.65
CA ILE A 71 -3.73 11.94 -4.95
C ILE A 71 -3.90 12.86 -3.75
N MET A 72 -4.17 12.29 -2.58
CA MET A 72 -4.40 13.10 -1.39
C MET A 72 -3.17 13.88 -0.96
N ALA A 73 -2.00 13.23 -0.96
CA ALA A 73 -0.77 13.92 -0.64
C ALA A 73 -0.52 15.07 -1.60
N TYR A 74 -0.71 14.83 -2.88
CA TYR A 74 -0.57 15.85 -3.91
C TYR A 74 -1.53 17.02 -3.64
N LEU A 75 -2.80 16.73 -3.45
CA LEU A 75 -3.80 17.78 -3.19
C LEU A 75 -3.46 18.68 -2.02
N VAL A 76 -3.11 18.10 -0.88
CA VAL A 76 -2.77 18.93 0.26
C VAL A 76 -1.51 19.73 -0.05
N SER A 77 -0.48 19.09 -0.61
CA SER A 77 0.79 19.80 -0.86
C SER A 77 0.66 20.90 -1.90
N LYS A 78 -0.28 20.77 -2.83
CA LYS A 78 -0.44 21.72 -3.93
C LYS A 78 -1.41 22.84 -3.57
N TYR A 79 -2.45 22.50 -2.82
CA TYR A 79 -3.58 23.38 -2.62
C TYR A 79 -3.91 23.71 -1.18
N GLY A 80 -3.29 23.06 -0.22
CA GLY A 80 -3.57 23.38 1.15
C GLY A 80 -3.11 24.77 1.55
N LYS A 81 -3.90 25.43 2.36
CA LYS A 81 -3.49 26.72 2.81
C LYS A 81 -2.43 26.61 3.90
N ASP A 82 -2.39 25.47 4.59
CA ASP A 82 -1.29 25.12 5.48
C ASP A 82 -1.10 23.62 5.34
N ASP A 83 -0.12 23.06 6.03
CA ASP A 83 0.16 21.63 5.89
C ASP A 83 -0.48 20.70 6.92
N SER A 84 -1.50 21.17 7.62
CA SER A 84 -2.01 20.41 8.76
C SER A 84 -2.42 18.99 8.37
N LEU A 85 -3.03 18.84 7.20
CA LEU A 85 -3.51 17.53 6.78
C LEU A 85 -2.39 16.62 6.24
N TYR A 86 -1.23 17.18 5.94
CA TYR A 86 -0.11 16.37 5.50
C TYR A 86 1.15 17.14 5.77
N PRO A 87 1.59 17.10 7.04
CA PRO A 87 2.67 17.97 7.52
C PRO A 87 3.96 17.82 6.73
N LYS A 88 4.66 18.93 6.53
CA LYS A 88 5.95 18.92 5.88
C LYS A 88 7.08 18.40 6.77
N ASP A 89 6.97 18.55 8.10
CA ASP A 89 7.94 17.97 9.04
C ASP A 89 8.15 16.50 8.69
N LEU A 90 9.40 16.09 8.51
CA LEU A 90 9.64 14.75 7.94
C LEU A 90 9.20 13.62 8.87
N VAL A 91 9.38 13.79 10.18
CA VAL A 91 8.96 12.78 11.15
C VAL A 91 7.44 12.67 11.16
N LYS A 92 6.75 13.80 11.20
CA LYS A 92 5.29 13.80 11.15
C LYS A 92 4.79 13.23 9.85
N ARG A 93 5.43 13.64 8.75
CA ARG A 93 5.03 13.11 7.46
C ARG A 93 5.21 11.60 7.36
N ALA A 94 6.32 11.09 7.87
CA ALA A 94 6.57 9.65 7.89
C ALA A 94 5.48 8.88 8.61
N LEU A 95 4.91 9.47 9.66
CA LEU A 95 3.83 8.74 10.34
C LEU A 95 2.56 8.71 9.50
N VAL A 96 2.24 9.86 8.88
CA VAL A 96 1.10 9.87 7.99
C VAL A 96 1.31 8.86 6.82
N ASP A 97 2.50 8.86 6.25
CA ASP A 97 2.81 7.93 5.16
C ASP A 97 2.65 6.51 5.63
N ASN A 98 3.21 6.22 6.81
CA ASN A 98 3.16 4.88 7.37
C ASN A 98 1.70 4.45 7.45
N ARG A 99 0.82 5.29 7.95
CA ARG A 99 -0.56 4.84 8.16
C ARG A 99 -1.25 4.68 6.81
N MET A 100 -0.90 5.48 5.81
CA MET A 100 -1.53 5.30 4.48
C MET A 100 -1.02 4.04 3.77
N TYR A 101 0.26 3.72 3.93
CA TYR A 101 0.80 2.48 3.38
C TYR A 101 0.17 1.28 4.03
N PHE A 102 -0.04 1.38 5.35
CA PHE A 102 -0.76 0.35 6.10
C PHE A 102 -2.15 0.16 5.52
N GLU A 103 -2.89 1.26 5.34
CA GLU A 103 -4.22 1.15 4.72
C GLU A 103 -4.19 0.45 3.36
N SER A 104 -3.23 0.84 2.52
CA SER A 104 -3.22 0.33 1.17
C SER A 104 -3.07 -1.18 1.12
N GLY A 105 -2.26 -1.73 2.00
CA GLY A 105 -1.95 -3.15 1.97
C GLY A 105 -2.73 -3.99 2.97
N VAL A 106 -2.51 -3.76 4.25
CA VAL A 106 -3.15 -4.59 5.27
C VAL A 106 -4.67 -4.41 5.26
N VAL A 107 -5.16 -3.19 5.06
CA VAL A 107 -6.58 -2.94 5.11
C VAL A 107 -7.24 -3.13 3.75
N PHE A 108 -6.89 -2.28 2.80
CA PHE A 108 -7.56 -2.34 1.52
C PHE A 108 -7.26 -3.59 0.70
N ALA A 109 -6.00 -3.88 0.37
CA ALA A 109 -5.73 -5.03 -0.51
C ALA A 109 -6.04 -6.32 0.21
N ASN A 110 -5.64 -6.44 1.46
CA ASN A 110 -5.72 -7.73 2.16
C ASN A 110 -7.11 -8.04 2.70
N ALA A 111 -7.77 -7.04 3.28
CA ALA A 111 -9.03 -7.26 3.97
C ALA A 111 -10.29 -6.85 3.20
N LEU A 112 -10.21 -5.72 2.50
N LEU A 112 -10.22 -5.74 2.47
CA LEU A 112 -11.41 -5.16 1.89
CA LEU A 112 -11.44 -5.17 1.91
C LEU A 112 -11.61 -5.65 0.48
C LEU A 112 -11.66 -5.55 0.46
N ARG A 113 -10.64 -5.35 -0.36
CA ARG A 113 -10.80 -5.53 -1.79
C ARG A 113 -10.98 -7.00 -2.13
N SER A 114 -10.23 -7.83 -1.44
CA SER A 114 -10.31 -9.28 -1.55
C SER A 114 -11.74 -9.79 -1.39
N LEU A 115 -12.35 -9.42 -0.28
CA LEU A 115 -13.66 -9.90 0.06
C LEU A 115 -14.71 -9.27 -0.86
N ALA A 116 -14.59 -7.98 -1.09
CA ALA A 116 -15.56 -7.26 -1.91
C ALA A 116 -15.55 -7.73 -3.36
N LYS A 117 -14.38 -8.02 -3.92
CA LYS A 117 -14.31 -8.52 -5.28
C LYS A 117 -15.03 -9.85 -5.36
N MET A 118 -14.79 -10.73 -4.36
CA MET A 118 -15.42 -12.07 -4.31
C MET A 118 -16.93 -12.01 -4.36
N ILE A 119 -17.50 -11.18 -3.48
CA ILE A 119 -18.93 -11.10 -3.20
C ILE A 119 -19.66 -10.26 -4.24
N LEU A 120 -19.06 -9.12 -4.56
CA LEU A 120 -19.72 -8.12 -5.40
C LEU A 120 -19.51 -8.34 -6.89
N PHE A 121 -18.38 -8.92 -7.28
CA PHE A 121 -18.02 -8.95 -8.69
C PHE A 121 -17.95 -10.37 -9.24
N LEU A 122 -17.54 -11.32 -8.40
CA LEU A 122 -17.25 -12.68 -8.85
C LEU A 122 -18.32 -13.72 -8.53
N GLY A 123 -19.37 -13.29 -7.83
CA GLY A 123 -20.50 -14.18 -7.59
C GLY A 123 -20.26 -15.33 -6.63
N LYS A 124 -19.25 -15.19 -5.76
CA LYS A 124 -18.99 -16.19 -4.74
C LYS A 124 -19.90 -15.94 -3.55
N THR A 125 -20.34 -17.01 -2.90
CA THR A 125 -21.12 -16.91 -1.67
C THR A 125 -20.45 -17.57 -0.46
N GLU A 126 -19.31 -18.22 -0.70
CA GLU A 126 -18.60 -18.93 0.34
C GLU A 126 -17.32 -18.16 0.66
N VAL A 127 -17.24 -17.63 1.88
CA VAL A 127 -16.09 -16.81 2.27
C VAL A 127 -15.28 -17.59 3.29
N PRO A 128 -13.99 -17.83 3.00
CA PRO A 128 -13.14 -18.50 3.99
C PRO A 128 -12.99 -17.63 5.26
N GLN A 129 -12.94 -18.29 6.42
CA GLN A 129 -12.79 -17.63 7.72
C GLN A 129 -11.57 -16.69 7.74
N GLU A 130 -10.54 -17.06 6.98
CA GLU A 130 -9.36 -16.23 6.80
C GLU A 130 -9.68 -14.78 6.32
N ARG A 131 -10.73 -14.63 5.53
CA ARG A 131 -11.07 -13.27 5.06
C ARG A 131 -11.67 -12.46 6.23
N ILE A 132 -12.39 -13.13 7.12
CA ILE A 132 -12.90 -12.46 8.31
C ILE A 132 -11.77 -12.17 9.30
N ASP A 133 -10.87 -13.13 9.49
CA ASP A 133 -9.68 -12.91 10.29
C ASP A 133 -8.88 -11.68 9.83
N ALA A 134 -8.79 -11.48 8.50
CA ALA A 134 -8.04 -10.32 7.94
C ALA A 134 -8.67 -8.98 8.37
N ILE A 135 -9.99 -8.98 8.55
CA ILE A 135 -10.68 -7.77 9.04
C ILE A 135 -10.43 -7.53 10.54
N THR A 136 -10.56 -8.56 11.36
CA THR A 136 -10.33 -8.31 12.78
C THR A 136 -8.87 -7.95 13.08
N GLU A 137 -7.94 -8.59 12.36
CA GLU A 137 -6.53 -8.19 12.43
C GLU A 137 -6.35 -6.71 12.15
N ALA A 138 -6.98 -6.20 11.09
CA ALA A 138 -6.94 -4.79 10.79
C ALA A 138 -7.50 -3.93 11.91
N TYR A 139 -8.65 -4.29 12.46
CA TYR A 139 -9.23 -3.54 13.56
C TYR A 139 -8.27 -3.54 14.75
N ASP A 140 -7.67 -4.70 15.04
CA ASP A 140 -6.73 -4.77 16.16
C ASP A 140 -5.55 -3.82 15.93
N PHE A 141 -5.00 -3.81 14.74
CA PHE A 141 -3.88 -2.94 14.44
C PHE A 141 -4.26 -1.47 14.64
N VAL A 142 -5.44 -1.08 14.16
CA VAL A 142 -5.84 0.33 14.16
C VAL A 142 -6.14 0.76 15.61
N GLU A 143 -6.78 -0.10 16.40
CA GLU A 143 -7.07 0.22 17.79
C GLU A 143 -5.78 0.58 18.52
N ALA A 144 -4.71 -0.12 18.16
CA ALA A 144 -3.39 0.09 18.75
C ALA A 144 -2.67 1.35 18.33
N PHE A 145 -3.04 1.92 17.18
CA PHE A 145 -2.43 3.16 16.75
C PHE A 145 -2.68 4.29 17.74
N PHE A 146 -3.88 4.34 18.29
CA PHE A 146 -4.28 5.54 19.04
C PHE A 146 -3.41 5.88 20.24
N LYS A 147 -3.19 4.88 21.10
CA LYS A 147 -2.60 5.13 22.43
C LYS A 147 -3.40 6.22 23.12
N ASP A 148 -2.75 7.35 23.41
CA ASP A 148 -3.44 8.46 24.05
C ASP A 148 -3.92 9.52 23.05
N GLN A 149 -3.64 9.29 21.77
CA GLN A 149 -3.99 10.26 20.74
C GLN A 149 -5.36 9.99 20.13
N THR A 150 -5.94 11.00 19.49
CA THR A 150 -7.30 10.89 19.01
C THR A 150 -7.39 10.65 17.51
N TYR A 151 -6.25 10.73 16.81
CA TYR A 151 -6.22 10.44 15.37
C TYR A 151 -5.23 9.33 15.08
N VAL A 152 -5.25 8.83 13.85
CA VAL A 152 -4.38 7.69 13.55
C VAL A 152 -2.90 8.06 13.40
N ALA A 153 -2.63 9.29 13.04
CA ALA A 153 -1.27 9.71 12.70
C ALA A 153 -0.93 11.01 13.44
N GLY A 154 -1.20 10.99 14.75
CA GLY A 154 -0.88 12.14 15.59
C GLY A 154 -2.10 12.78 16.25
N ASN A 155 -1.95 14.02 16.72
CA ASN A 155 -3.00 14.68 17.50
C ASN A 155 -3.93 15.55 16.65
N GLN A 156 -3.65 15.65 15.34
CA GLN A 156 -4.51 16.36 14.40
C GLN A 156 -4.99 15.47 13.26
N LEU A 157 -6.13 15.84 12.68
CA LEU A 157 -6.72 15.17 11.52
C LEU A 157 -5.75 15.21 10.37
N THR A 158 -5.51 14.10 9.69
CA THR A 158 -4.65 14.12 8.49
C THR A 158 -5.28 13.27 7.40
N ILE A 159 -4.67 13.26 6.22
CA ILE A 159 -5.17 12.42 5.15
C ILE A 159 -5.11 10.95 5.49
N ALA A 160 -4.26 10.56 6.44
CA ALA A 160 -4.32 9.16 6.89
C ALA A 160 -5.64 8.79 7.56
N ASP A 161 -6.27 9.74 8.24
CA ASP A 161 -7.61 9.50 8.77
C ASP A 161 -8.65 9.29 7.67
N PHE A 162 -8.57 10.12 6.64
CA PHE A 162 -9.49 9.97 5.53
C PHE A 162 -9.31 8.64 4.85
N SER A 163 -8.06 8.22 4.63
CA SER A 163 -7.78 6.90 4.04
C SER A 163 -8.39 5.79 4.88
N LEU A 164 -8.07 5.74 6.17
CA LEU A 164 -8.53 4.63 6.99
C LEU A 164 -10.03 4.68 7.21
N ILE A 165 -10.65 5.85 7.33
CA ILE A 165 -12.08 5.84 7.59
C ILE A 165 -12.81 5.32 6.33
N SER A 166 -12.33 5.66 5.14
CA SER A 166 -12.99 5.25 3.93
C SER A 166 -13.10 3.73 3.87
N SER A 167 -12.03 3.03 4.24
CA SER A 167 -12.08 1.55 4.23
C SER A 167 -12.72 0.94 5.47
N ILE A 168 -12.47 1.47 6.65
CA ILE A 168 -13.08 0.91 7.85
C ILE A 168 -14.61 1.04 7.80
N SER A 169 -15.09 2.20 7.33
CA SER A 169 -16.52 2.45 7.16
C SER A 169 -17.16 1.51 6.11
N SER A 170 -16.32 0.85 5.32
CA SER A 170 -16.81 -0.11 4.36
C SER A 170 -16.76 -1.50 4.95
N LEU A 171 -15.70 -1.75 5.72
CA LEU A 171 -15.51 -3.08 6.32
C LEU A 171 -16.60 -3.48 7.31
N VAL A 172 -17.27 -2.46 7.86
CA VAL A 172 -18.35 -2.74 8.80
C VAL A 172 -19.49 -3.45 8.10
N ALA A 173 -19.54 -3.37 6.77
CA ALA A 173 -20.50 -4.16 6.02
C ALA A 173 -20.35 -5.65 6.35
N PHE A 174 -19.11 -6.04 6.62
CA PHE A 174 -18.81 -7.46 6.87
C PHE A 174 -18.74 -7.80 8.35
N VAL A 175 -18.08 -6.93 9.09
CA VAL A 175 -17.87 -7.08 10.51
C VAL A 175 -18.09 -5.73 11.19
N PRO A 176 -19.26 -5.53 11.81
CA PRO A 176 -19.48 -4.30 12.56
C PRO A 176 -18.42 -4.16 13.64
N VAL A 177 -18.02 -2.92 13.92
CA VAL A 177 -17.03 -2.68 14.96
C VAL A 177 -17.70 -2.88 16.31
N ASP A 178 -17.18 -3.83 17.08
CA ASP A 178 -17.63 -4.02 18.47
C ASP A 178 -17.09 -2.86 19.32
N ALA A 179 -17.95 -1.93 19.73
CA ALA A 179 -17.49 -0.76 20.50
C ALA A 179 -16.89 -1.11 21.86
N ALA A 180 -17.31 -2.23 22.45
CA ALA A 180 -16.72 -2.68 23.72
C ALA A 180 -15.28 -3.18 23.51
N LYS A 181 -15.05 -3.86 22.40
CA LYS A 181 -13.75 -4.42 22.13
C LYS A 181 -12.83 -3.35 21.55
N TYR A 182 -13.40 -2.44 20.78
CA TYR A 182 -12.62 -1.41 20.08
C TYR A 182 -13.11 -0.05 20.48
N PRO A 183 -12.90 0.35 21.75
CA PRO A 183 -13.42 1.67 22.15
C PRO A 183 -12.75 2.87 21.45
N LYS A 184 -11.43 2.83 21.25
CA LYS A 184 -10.76 3.94 20.60
C LYS A 184 -11.13 4.04 19.10
N LEU A 185 -11.19 2.90 18.42
CA LEU A 185 -11.60 2.91 17.01
C LEU A 185 -13.01 3.46 16.90
N SER A 186 -13.90 3.02 17.79
N SER A 186 -13.90 3.01 17.78
CA SER A 186 -15.27 3.49 17.81
CA SER A 186 -15.28 3.50 17.79
C SER A 186 -15.36 5.01 18.04
C SER A 186 -15.35 5.02 18.02
N ALA A 187 -14.58 5.51 18.99
CA ALA A 187 -14.58 6.95 19.31
C ALA A 187 -14.03 7.79 18.18
N TRP A 188 -13.02 7.26 17.51
CA TRP A 188 -12.46 7.89 16.32
C TRP A 188 -13.46 7.99 15.13
N ILE A 189 -14.17 6.92 14.86
CA ILE A 189 -15.26 6.96 13.89
C ILE A 189 -16.26 8.06 14.25
N LYS A 190 -16.67 8.12 15.51
CA LYS A 190 -17.60 9.14 15.95
C LYS A 190 -17.07 10.53 15.83
N ARG A 191 -15.77 10.70 16.05
CA ARG A 191 -15.10 12.00 15.87
C ARG A 191 -15.16 12.46 14.43
N LEU A 192 -14.79 11.58 13.50
CA LEU A 192 -14.82 11.96 12.10
C LEU A 192 -16.23 12.22 11.59
N GLU A 193 -17.20 11.49 12.13
CA GLU A 193 -18.61 11.67 11.79
C GLU A 193 -19.14 13.08 12.03
N GLN A 194 -18.43 13.84 12.88
CA GLN A 194 -18.78 15.23 13.20
C GLN A 194 -18.31 16.24 12.14
N LEU A 195 -17.42 15.82 11.23
CA LEU A 195 -16.89 16.76 10.25
C LEU A 195 -18.03 17.27 9.39
N PRO A 196 -18.01 18.57 9.03
CA PRO A 196 -19.15 19.12 8.29
C PRO A 196 -19.32 18.44 6.95
N TYR A 197 -18.24 17.88 6.40
CA TYR A 197 -18.28 17.28 5.07
C TYR A 197 -18.29 15.74 5.11
N TYR A 198 -18.57 15.17 6.28
CA TYR A 198 -18.54 13.70 6.41
C TYR A 198 -19.47 12.94 5.46
N ALA A 199 -20.54 13.58 4.99
CA ALA A 199 -21.43 12.91 4.05
C ALA A 199 -20.75 12.52 2.76
N GLU A 200 -19.63 13.16 2.44
CA GLU A 200 -18.83 12.68 1.31
C GLU A 200 -18.25 11.29 1.47
N ASN A 201 -18.23 10.81 2.71
CA ASN A 201 -17.93 9.44 2.98
C ASN A 201 -19.18 8.61 3.32
N SER A 202 -20.08 9.14 4.14
CA SER A 202 -21.17 8.28 4.66
C SER A 202 -22.14 7.83 3.59
N THR A 203 -22.37 8.69 2.60
CA THR A 203 -23.29 8.34 1.52
C THR A 203 -22.83 7.09 0.74
N GLY A 204 -21.60 7.13 0.26
CA GLY A 204 -21.04 6.02 -0.46
C GLY A 204 -20.78 4.82 0.41
N ALA A 205 -20.42 5.04 1.68
CA ALA A 205 -20.25 3.91 2.61
C ALA A 205 -21.54 3.14 2.76
N GLN A 206 -22.64 3.86 2.91
CA GLN A 206 -23.96 3.21 2.97
C GLN A 206 -24.29 2.48 1.68
N GLN A 207 -23.91 3.04 0.54
CA GLN A 207 -24.13 2.30 -0.71
C GLN A 207 -23.30 1.01 -0.75
N PHE A 208 -22.06 1.08 -0.26
CA PHE A 208 -21.20 -0.10 -0.18
C PHE A 208 -21.84 -1.15 0.70
N VAL A 209 -22.27 -0.75 1.89
CA VAL A 209 -22.95 -1.66 2.80
C VAL A 209 -24.18 -2.29 2.15
N ALA A 210 -24.99 -1.48 1.45
CA ALA A 210 -26.18 -2.00 0.77
C ALA A 210 -25.85 -3.02 -0.33
N ALA A 211 -24.75 -2.76 -1.02
CA ALA A 211 -24.33 -3.64 -2.10
C ALA A 211 -23.94 -4.99 -1.52
N VAL A 212 -23.25 -4.96 -0.39
CA VAL A 212 -22.87 -6.18 0.32
C VAL A 212 -24.09 -6.95 0.88
N LYS A 213 -25.04 -6.24 1.47
CA LYS A 213 -26.22 -6.89 2.03
C LYS A 213 -27.05 -7.51 0.94
N SER A 214 -26.92 -7.02 -0.29
CA SER A 214 -27.68 -7.58 -1.41
C SER A 214 -27.07 -8.87 -1.95
N LYS A 215 -25.86 -9.19 -1.50
CA LYS A 215 -25.16 -10.41 -1.90
C LYS A 215 -24.85 -11.25 -0.66
N PRO A 216 -25.85 -11.98 -0.18
CA PRO A 216 -25.69 -12.81 1.01
C PRO A 216 -24.58 -13.87 0.84
N PHE A 217 -23.91 -14.15 1.94
CA PHE A 217 -22.79 -15.07 1.90
C PHE A 217 -22.67 -15.76 3.23
N THR A 218 -21.94 -16.87 3.21
CA THR A 218 -21.70 -17.60 4.43
C THR A 218 -20.20 -17.69 4.64
N VAL A 219 -19.78 -17.90 5.89
CA VAL A 219 -18.37 -18.03 6.16
C VAL A 219 -18.08 -19.49 6.48
N VAL A 220 -16.97 -19.97 5.91
CA VAL A 220 -16.61 -21.39 5.94
C VAL A 220 -15.27 -21.53 6.61
N GLY A 221 -15.18 -22.46 7.55
CA GLY A 221 -13.93 -22.69 8.25
C GLY A 221 -14.07 -22.53 9.74
N ALA A 222 -13.45 -23.44 10.50
CA ALA A 222 -13.38 -23.30 11.96
C ALA A 222 -12.60 -22.03 12.40
N MET B 1 25.58 13.88 14.84
CA MET B 1 25.64 13.13 13.59
C MET B 1 24.92 11.79 13.71
N VAL B 2 23.65 11.76 13.29
CA VAL B 2 22.83 10.56 13.39
C VAL B 2 23.19 9.47 12.38
N LYS B 3 23.48 8.29 12.90
CA LYS B 3 23.64 7.10 12.10
C LYS B 3 22.42 6.23 12.38
N PRO B 4 21.57 6.00 11.38
CA PRO B 4 20.34 5.28 11.76
C PRO B 4 20.53 3.80 11.99
N ILE B 5 19.52 3.16 12.58
CA ILE B 5 19.53 1.72 12.76
C ILE B 5 18.37 1.09 11.97
N LEU B 6 18.68 0.11 11.13
CA LEU B 6 17.69 -0.64 10.38
C LEU B 6 17.50 -2.00 11.01
N TYR B 7 16.24 -2.37 11.27
CA TYR B 7 15.90 -3.69 11.76
C TYR B 7 15.30 -4.50 10.63
N GLY B 8 15.76 -5.74 10.47
CA GLY B 8 15.27 -6.55 9.38
C GLY B 8 16.05 -7.84 9.21
N ILE B 9 15.86 -8.44 8.05
CA ILE B 9 16.57 -9.64 7.64
C ILE B 9 16.60 -9.55 6.11
N ASP B 10 17.72 -10.00 5.54
CA ASP B 10 17.93 -9.81 4.11
C ASP B 10 16.90 -10.52 3.21
N ALA B 11 16.38 -11.66 3.63
CA ALA B 11 15.35 -12.37 2.83
C ALA B 11 14.09 -11.54 2.59
N SER B 12 13.80 -10.57 3.45
CA SER B 12 12.54 -9.84 3.42
C SER B 12 12.57 -8.80 2.30
N PRO B 13 11.62 -8.87 1.35
CA PRO B 13 11.63 -7.85 0.29
C PRO B 13 11.62 -6.40 0.75
N PRO B 14 10.70 -5.99 1.64
CA PRO B 14 10.73 -4.54 1.98
C PRO B 14 12.00 -4.13 2.69
N VAL B 15 12.63 -5.06 3.43
CA VAL B 15 13.91 -4.72 4.03
C VAL B 15 14.94 -4.43 2.93
N ARG B 16 14.94 -5.25 1.88
CA ARG B 16 15.87 -5.04 0.74
C ARG B 16 15.64 -3.75 -0.01
N ALA B 17 14.39 -3.30 -0.07
CA ALA B 17 14.13 -2.00 -0.70
C ALA B 17 14.84 -0.88 0.07
N VAL B 18 14.78 -0.94 1.39
CA VAL B 18 15.48 0.02 2.22
C VAL B 18 17.01 -0.15 2.13
N LYS B 19 17.51 -1.39 2.09
CA LYS B 19 18.95 -1.62 1.91
C LYS B 19 19.46 -0.98 0.61
N LEU B 20 18.72 -1.14 -0.48
CA LEU B 20 19.08 -0.49 -1.73
C LEU B 20 19.13 1.03 -1.61
N THR B 21 18.16 1.59 -0.92
CA THR B 21 18.07 3.03 -0.75
C THR B 21 19.25 3.55 0.06
N LEU B 22 19.55 2.89 1.17
CA LEU B 22 20.71 3.30 1.96
C LEU B 22 22.01 3.25 1.16
N ALA B 23 22.12 2.25 0.29
CA ALA B 23 23.31 2.08 -0.53
C ALA B 23 23.36 3.17 -1.57
N ALA B 24 22.21 3.52 -2.15
CA ALA B 24 22.19 4.57 -3.16
C ALA B 24 22.56 5.92 -2.57
N LEU B 25 22.19 6.11 -1.32
CA LEU B 25 22.48 7.37 -0.62
C LEU B 25 23.87 7.37 -0.04
N GLN B 26 24.56 6.22 -0.12
CA GLN B 26 25.88 6.05 0.53
C GLN B 26 25.84 6.52 1.98
N LEU B 27 24.75 6.21 2.66
CA LEU B 27 24.54 6.65 4.03
C LEU B 27 24.93 5.52 4.97
N PRO B 28 25.91 5.75 5.86
CA PRO B 28 26.27 4.70 6.82
C PRO B 28 25.13 4.42 7.79
N TYR B 29 25.03 3.18 8.26
CA TYR B 29 23.95 2.81 9.18
C TYR B 29 24.29 1.51 9.90
N ASP B 30 23.64 1.28 11.03
CA ASP B 30 23.78 0.02 11.75
C ASP B 30 22.62 -0.88 11.35
N TYR B 31 22.88 -2.17 11.20
CA TYR B 31 21.87 -3.12 10.74
C TYR B 31 21.71 -4.17 11.82
N LYS B 32 20.51 -4.28 12.37
CA LYS B 32 20.24 -5.23 13.44
C LYS B 32 19.29 -6.33 12.94
N ILE B 33 19.73 -7.58 13.04
CA ILE B 33 18.92 -8.70 12.55
C ILE B 33 17.75 -9.01 13.46
N VAL B 34 16.55 -9.03 12.86
CA VAL B 34 15.37 -9.54 13.50
C VAL B 34 14.99 -10.82 12.80
N ASN B 35 15.37 -11.91 13.46
CA ASN B 35 15.19 -13.23 12.88
C ASN B 35 13.71 -13.61 12.98
N LEU B 36 13.00 -13.50 11.87
CA LEU B 36 11.57 -13.76 11.85
C LEU B 36 11.24 -15.22 12.09
N MET B 37 12.16 -16.10 11.72
CA MET B 37 12.00 -17.54 11.97
C MET B 37 12.03 -17.86 13.46
N ASN B 38 12.76 -17.04 14.22
CA ASN B 38 12.79 -17.19 15.67
C ASN B 38 11.64 -16.39 16.28
N LYS B 39 10.67 -16.02 15.43
CA LYS B 39 9.50 -15.23 15.83
C LYS B 39 9.93 -13.99 16.63
N GLU B 40 11.09 -13.45 16.28
CA GLU B 40 11.71 -12.36 17.04
C GLU B 40 10.97 -11.03 16.91
N GLN B 41 10.17 -10.84 15.84
CA GLN B 41 9.31 -9.66 15.74
C GLN B 41 8.25 -9.60 16.87
N HIS B 42 7.95 -10.73 17.50
CA HIS B 42 6.95 -10.77 18.58
C HIS B 42 7.54 -10.68 19.99
N SER B 43 8.84 -10.41 20.08
CA SER B 43 9.46 -10.24 21.40
C SER B 43 8.89 -9.01 22.06
N GLU B 44 9.07 -8.91 23.38
CA GLU B 44 8.58 -7.75 24.10
C GLU B 44 9.41 -6.53 23.75
N GLU B 45 10.72 -6.73 23.62
CA GLU B 45 11.63 -5.64 23.27
C GLU B 45 11.29 -5.02 21.90
N TYR B 46 11.00 -5.86 20.91
CA TYR B 46 10.70 -5.35 19.56
C TYR B 46 9.29 -4.76 19.45
N LEU B 47 8.33 -5.38 20.11
CA LEU B 47 6.94 -4.90 20.06
C LEU B 47 6.82 -3.52 20.67
N LYS B 48 7.72 -3.18 21.59
CA LYS B 48 7.77 -1.81 22.09
C LYS B 48 8.16 -0.85 20.95
N LYS B 49 9.18 -1.25 20.19
CA LYS B 49 9.66 -0.44 19.07
C LYS B 49 8.63 -0.36 17.94
N ASN B 50 7.89 -1.45 17.74
CA ASN B 50 6.95 -1.54 16.62
C ASN B 50 5.77 -2.48 16.92
N PRO B 51 4.66 -1.92 17.41
CA PRO B 51 3.51 -2.75 17.80
C PRO B 51 2.91 -3.55 16.63
N GLN B 52 3.24 -3.20 15.40
CA GLN B 52 2.75 -4.00 14.27
C GLN B 52 3.58 -5.25 13.99
N HIS B 53 4.66 -5.44 14.76
CA HIS B 53 5.59 -6.56 14.62
C HIS B 53 5.99 -6.82 13.15
N THR B 54 6.39 -5.76 12.47
CA THR B 54 6.84 -5.87 11.10
C THR B 54 8.28 -5.39 10.94
N VAL B 55 8.93 -5.87 9.89
CA VAL B 55 10.22 -5.35 9.44
C VAL B 55 10.02 -4.92 7.99
N PRO B 56 10.74 -3.87 7.53
CA PRO B 56 11.78 -3.10 8.22
C PRO B 56 11.24 -2.08 9.18
N LEU B 57 12.10 -1.72 10.12
CA LEU B 57 11.88 -0.57 10.99
C LEU B 57 13.17 0.23 10.97
N LEU B 58 13.06 1.56 10.96
CA LEU B 58 14.22 2.45 11.02
C LEU B 58 14.15 3.30 12.27
N GLU B 59 15.20 3.26 13.07
CA GLU B 59 15.36 4.20 14.15
C GLU B 59 16.37 5.24 13.71
N ASP B 60 15.95 6.50 13.68
CA ASP B 60 16.80 7.60 13.24
C ASP B 60 16.86 8.65 14.36
N GLY B 61 17.88 8.60 15.19
CA GLY B 61 17.87 9.39 16.42
C GLY B 61 16.66 8.98 17.25
N ASP B 62 15.81 9.96 17.55
CA ASP B 62 14.65 9.72 18.39
C ASP B 62 13.45 9.28 17.56
N ALA B 63 13.59 9.31 16.25
CA ALA B 63 12.48 8.93 15.36
C ALA B 63 12.39 7.42 15.12
N ASN B 64 11.17 6.91 15.01
CA ASN B 64 10.94 5.50 14.76
C ASN B 64 9.99 5.41 13.58
N ILE B 65 10.44 4.89 12.44
CA ILE B 65 9.59 4.83 11.26
C ILE B 65 9.49 3.40 10.78
N ALA B 66 8.27 2.89 10.68
CA ALA B 66 8.02 1.60 10.06
C ALA B 66 7.44 1.82 8.66
N ASP B 67 7.42 0.75 7.88
CA ASP B 67 7.00 0.68 6.47
C ASP B 67 8.10 1.11 5.50
N SER B 68 8.53 0.18 4.65
CA SER B 68 9.65 0.42 3.76
C SER B 68 9.45 1.67 2.91
N HIS B 69 8.21 1.94 2.54
CA HIS B 69 7.98 3.07 1.64
C HIS B 69 8.07 4.36 2.41
N ALA B 70 7.49 4.39 3.61
CA ALA B 70 7.65 5.57 4.45
C ALA B 70 9.12 5.85 4.80
N ILE B 71 9.85 4.79 5.10
CA ILE B 71 11.26 4.82 5.45
C ILE B 71 12.08 5.35 4.29
N MET B 72 11.81 4.84 3.08
CA MET B 72 12.60 5.27 1.93
C MET B 72 12.37 6.72 1.58
N ALA B 73 11.11 7.18 1.61
CA ALA B 73 10.82 8.58 1.39
C ALA B 73 11.50 9.46 2.43
N TYR B 74 11.40 9.06 3.70
CA TYR B 74 12.06 9.79 4.78
C TYR B 74 13.58 9.88 4.62
N LEU B 75 14.22 8.75 4.31
CA LEU B 75 15.67 8.71 4.06
C LEU B 75 16.12 9.67 2.95
N VAL B 76 15.43 9.65 1.82
CA VAL B 76 15.83 10.51 0.71
C VAL B 76 15.60 11.98 1.08
N SER B 77 14.45 12.27 1.69
CA SER B 77 14.08 13.65 1.99
C SER B 77 15.02 14.25 3.01
N LYS B 78 15.49 13.46 3.96
CA LYS B 78 16.36 13.99 4.97
C LYS B 78 17.84 14.00 4.57
N TYR B 79 18.29 12.91 3.95
CA TYR B 79 19.71 12.66 3.74
C TYR B 79 20.12 12.67 2.28
N GLY B 80 19.17 12.76 1.37
CA GLY B 80 19.47 12.73 -0.05
C GLY B 80 20.17 14.00 -0.50
N LYS B 81 21.31 13.86 -1.17
CA LYS B 81 22.09 15.03 -1.57
C LYS B 81 21.70 15.48 -2.99
N ASP B 82 20.72 14.81 -3.56
CA ASP B 82 19.92 15.41 -4.61
C ASP B 82 18.56 14.78 -4.40
N ASP B 83 17.58 15.10 -5.24
CA ASP B 83 16.27 14.53 -5.02
C ASP B 83 15.84 13.66 -6.18
N SER B 84 16.79 13.21 -6.99
N SER B 84 16.78 13.20 -6.99
CA SER B 84 16.45 12.38 -8.15
CA SER B 84 16.39 12.40 -8.15
C SER B 84 15.66 11.15 -7.71
C SER B 84 15.64 11.14 -7.71
N LEU B 85 16.06 10.59 -6.57
CA LEU B 85 15.47 9.36 -6.05
C LEU B 85 14.07 9.56 -5.55
N TYR B 86 13.72 10.81 -5.21
CA TYR B 86 12.36 11.10 -4.74
C TYR B 86 12.11 12.58 -4.99
N PRO B 87 11.77 12.92 -6.23
CA PRO B 87 11.73 14.32 -6.65
C PRO B 87 10.75 15.15 -5.83
N LYS B 88 11.13 16.40 -5.59
CA LYS B 88 10.28 17.35 -4.88
C LYS B 88 9.15 17.91 -5.72
N ASP B 89 9.29 17.89 -7.04
CA ASP B 89 8.21 18.31 -7.93
C ASP B 89 6.96 17.49 -7.58
N LEU B 90 5.81 18.14 -7.39
CA LEU B 90 4.63 17.42 -6.85
C LEU B 90 4.07 16.38 -7.78
N VAL B 91 4.03 16.64 -9.08
CA VAL B 91 3.43 15.67 -10.01
C VAL B 91 4.34 14.45 -10.17
N LYS B 92 5.64 14.68 -10.25
CA LYS B 92 6.60 13.58 -10.32
C LYS B 92 6.66 12.82 -9.01
N ARG B 93 6.58 13.50 -7.89
CA ARG B 93 6.55 12.81 -6.61
C ARG B 93 5.28 11.96 -6.55
N ALA B 94 4.15 12.49 -7.00
CA ALA B 94 2.92 11.71 -7.00
C ALA B 94 3.04 10.41 -7.80
N LEU B 95 3.78 10.43 -8.89
CA LEU B 95 3.98 9.20 -9.65
C LEU B 95 4.81 8.18 -8.87
N VAL B 96 5.89 8.66 -8.23
CA VAL B 96 6.69 7.76 -7.40
C VAL B 96 5.85 7.22 -6.26
N ASP B 97 5.07 8.08 -5.61
CA ASP B 97 4.18 7.63 -4.53
C ASP B 97 3.19 6.55 -5.05
N ASN B 98 2.54 6.86 -6.18
CA ASN B 98 1.55 5.96 -6.81
C ASN B 98 2.21 4.59 -7.02
N ARG B 99 3.41 4.53 -7.56
CA ARG B 99 4.05 3.25 -7.83
C ARG B 99 4.37 2.49 -6.52
N MET B 100 4.75 3.19 -5.45
CA MET B 100 5.01 2.54 -4.17
C MET B 100 3.74 2.06 -3.53
N TYR B 101 2.64 2.82 -3.61
CA TYR B 101 1.35 2.32 -3.11
C TYR B 101 0.88 1.09 -3.89
N PHE B 102 1.15 1.10 -5.20
CA PHE B 102 0.87 -0.07 -6.02
C PHE B 102 1.69 -1.26 -5.51
N GLU B 103 2.98 -1.09 -5.28
CA GLU B 103 3.80 -2.20 -4.75
C GLU B 103 3.25 -2.69 -3.41
N SER B 104 2.87 -1.76 -2.54
N SER B 104 2.87 -1.78 -2.53
CA SER B 104 2.37 -2.14 -1.23
CA SER B 104 2.42 -2.20 -1.21
C SER B 104 1.19 -3.13 -1.26
C SER B 104 1.17 -3.11 -1.23
N GLY B 105 0.21 -2.83 -2.10
CA GLY B 105 -1.03 -3.60 -2.13
C GLY B 105 -1.15 -4.65 -3.21
N VAL B 106 -1.06 -4.25 -4.47
CA VAL B 106 -1.22 -5.17 -5.59
C VAL B 106 -0.08 -6.18 -5.66
N VAL B 107 1.15 -5.76 -5.37
CA VAL B 107 2.29 -6.68 -5.46
C VAL B 107 2.58 -7.37 -4.15
N PHE B 108 2.90 -6.62 -3.10
CA PHE B 108 3.31 -7.22 -1.85
C PHE B 108 2.14 -7.91 -1.11
N ALA B 109 1.07 -7.19 -0.77
CA ALA B 109 0.01 -7.77 0.03
C ALA B 109 -0.74 -8.81 -0.78
N ASN B 110 -1.11 -8.50 -2.02
CA ASN B 110 -2.02 -9.39 -2.75
C ASN B 110 -1.34 -10.58 -3.42
N ALA B 111 -0.14 -10.40 -3.94
CA ALA B 111 0.56 -11.46 -4.66
C ALA B 111 1.66 -12.17 -3.85
N LEU B 112 2.50 -11.41 -3.18
N LEU B 112 2.48 -11.43 -3.16
CA LEU B 112 3.69 -11.98 -2.55
CA LEU B 112 3.68 -12.02 -2.57
C LEU B 112 3.36 -12.56 -1.18
C LEU B 112 3.47 -12.54 -1.15
N ARG B 113 2.95 -11.70 -0.26
CA ARG B 113 2.81 -12.06 1.15
C ARG B 113 1.82 -13.17 1.36
N SER B 114 0.72 -13.10 0.60
CA SER B 114 -0.32 -14.12 0.68
C SER B 114 0.24 -15.48 0.37
N LEU B 115 0.88 -15.62 -0.79
CA LEU B 115 1.43 -16.91 -1.21
C LEU B 115 2.59 -17.37 -0.31
N ALA B 116 3.47 -16.43 0.05
CA ALA B 116 4.60 -16.77 0.91
C ALA B 116 4.12 -17.27 2.28
N LYS B 117 3.14 -16.60 2.85
CA LYS B 117 2.55 -17.07 4.09
C LYS B 117 2.07 -18.54 4.00
N MET B 118 1.31 -18.85 2.95
CA MET B 118 0.84 -20.22 2.70
C MET B 118 1.96 -21.26 2.67
N ILE B 119 3.00 -20.97 1.89
CA ILE B 119 4.10 -21.88 1.60
C ILE B 119 5.15 -21.93 2.69
N LEU B 120 5.60 -20.76 3.14
CA LEU B 120 6.74 -20.67 4.06
C LEU B 120 6.30 -20.80 5.50
N PHE B 121 5.08 -20.39 5.82
CA PHE B 121 4.63 -20.32 7.21
C PHE B 121 3.60 -21.36 7.58
N LEU B 122 2.65 -21.62 6.69
CA LEU B 122 1.51 -22.48 7.01
C LEU B 122 1.69 -23.92 6.49
N GLY B 123 2.75 -24.14 5.72
CA GLY B 123 3.10 -25.47 5.26
C GLY B 123 2.11 -26.07 4.29
N LYS B 124 1.46 -25.21 3.50
CA LYS B 124 0.52 -25.71 2.52
C LYS B 124 1.30 -26.24 1.35
N THR B 125 0.79 -27.32 0.76
CA THR B 125 1.41 -27.97 -0.39
C THR B 125 0.55 -27.89 -1.63
N GLU B 126 -0.59 -27.19 -1.52
CA GLU B 126 -1.48 -26.92 -2.67
C GLU B 126 -1.97 -25.51 -2.51
N VAL B 127 -1.92 -24.72 -3.57
CA VAL B 127 -2.47 -23.38 -3.49
C VAL B 127 -3.43 -23.17 -4.64
N PRO B 128 -4.43 -22.31 -4.44
CA PRO B 128 -5.34 -22.12 -5.58
C PRO B 128 -4.75 -21.29 -6.74
N GLN B 129 -5.30 -21.53 -7.93
CA GLN B 129 -4.85 -20.85 -9.13
C GLN B 129 -4.86 -19.34 -8.98
N GLU B 130 -5.77 -18.83 -8.17
CA GLU B 130 -5.84 -17.37 -7.96
C GLU B 130 -4.56 -16.77 -7.41
N ARG B 131 -3.81 -17.55 -6.65
CA ARG B 131 -2.56 -17.04 -6.09
C ARG B 131 -1.51 -16.86 -7.19
N ILE B 132 -1.51 -17.77 -8.15
CA ILE B 132 -0.66 -17.60 -9.35
C ILE B 132 -1.17 -16.47 -10.23
N ASP B 133 -2.49 -16.37 -10.35
CA ASP B 133 -3.09 -15.30 -11.14
C ASP B 133 -2.72 -13.90 -10.62
N ALA B 134 -2.63 -13.76 -9.29
CA ALA B 134 -2.27 -12.48 -8.67
C ALA B 134 -0.89 -12.08 -9.14
N ILE B 135 -0.02 -13.06 -9.34
CA ILE B 135 1.36 -12.76 -9.72
C ILE B 135 1.44 -12.30 -11.17
N THR B 136 0.83 -13.05 -12.07
CA THR B 136 0.87 -12.64 -13.45
C THR B 136 0.15 -11.31 -13.69
N GLU B 137 -0.91 -11.04 -12.91
CA GLU B 137 -1.60 -9.75 -12.99
C GLU B 137 -0.64 -8.63 -12.60
N ALA B 138 0.13 -8.84 -11.54
CA ALA B 138 1.13 -7.85 -11.17
C ALA B 138 2.17 -7.63 -12.28
N TYR B 139 2.69 -8.71 -12.85
CA TYR B 139 3.63 -8.57 -13.96
C TYR B 139 3.03 -7.78 -15.11
N ASP B 140 1.79 -8.13 -15.46
CA ASP B 140 1.10 -7.43 -16.55
C ASP B 140 0.99 -5.93 -16.26
N PHE B 141 0.62 -5.59 -15.04
CA PHE B 141 0.54 -4.17 -14.71
C PHE B 141 1.90 -3.46 -14.81
N VAL B 142 2.96 -4.05 -14.27
CA VAL B 142 4.26 -3.39 -14.27
C VAL B 142 4.81 -3.25 -15.68
N GLU B 143 4.61 -4.27 -16.53
CA GLU B 143 5.03 -4.19 -17.94
C GLU B 143 4.46 -2.94 -18.57
N ALA B 144 3.23 -2.60 -18.22
CA ALA B 144 2.55 -1.47 -18.88
C ALA B 144 3.07 -0.13 -18.36
N PHE B 145 3.74 -0.14 -17.21
CA PHE B 145 4.22 1.11 -16.62
C PHE B 145 5.26 1.79 -17.51
N PHE B 146 6.04 0.98 -18.21
CA PHE B 146 7.24 1.49 -18.89
C PHE B 146 6.99 2.46 -20.07
N LYS B 147 6.00 2.17 -20.91
CA LYS B 147 5.74 3.04 -22.07
C LYS B 147 7.03 3.33 -22.86
N ASP B 148 7.35 4.61 -23.04
CA ASP B 148 8.58 5.02 -23.72
C ASP B 148 9.68 5.31 -22.70
N GLN B 149 9.50 4.81 -21.47
CA GLN B 149 10.39 5.16 -20.37
C GLN B 149 11.17 3.98 -19.79
N THR B 150 12.24 4.35 -19.07
CA THR B 150 13.23 3.41 -18.59
C THR B 150 12.87 2.78 -17.25
N TYR B 151 12.24 3.58 -16.40
CA TYR B 151 12.01 3.17 -15.03
C TYR B 151 10.52 3.18 -14.71
N VAL B 152 10.15 2.71 -13.52
CA VAL B 152 8.72 2.60 -13.20
C VAL B 152 7.99 3.91 -13.00
N ALA B 153 8.73 4.97 -12.67
CA ALA B 153 8.14 6.25 -12.30
C ALA B 153 8.88 7.40 -12.94
N GLY B 154 9.16 7.29 -14.23
CA GLY B 154 9.86 8.34 -14.97
C GLY B 154 11.12 7.83 -15.65
N ASN B 155 11.98 8.76 -16.05
CA ASN B 155 13.17 8.40 -16.78
C ASN B 155 14.40 8.33 -15.89
N GLN B 156 14.21 8.53 -14.59
CA GLN B 156 15.29 8.37 -13.62
C GLN B 156 14.94 7.29 -12.60
N LEU B 157 15.98 6.65 -12.06
CA LEU B 157 15.86 5.68 -10.98
C LEU B 157 15.26 6.39 -9.75
N THR B 158 14.28 5.78 -9.11
CA THR B 158 13.65 6.36 -7.92
C THR B 158 13.46 5.24 -6.92
N ILE B 159 13.05 5.62 -5.72
CA ILE B 159 12.74 4.63 -4.71
C ILE B 159 11.60 3.71 -5.10
N ALA B 160 10.77 4.10 -6.06
CA ALA B 160 9.74 3.18 -6.52
C ALA B 160 10.39 2.01 -7.26
N ASP B 161 11.50 2.22 -7.96
CA ASP B 161 12.18 1.09 -8.60
C ASP B 161 12.73 0.12 -7.55
N PHE B 162 13.26 0.69 -6.46
CA PHE B 162 13.81 -0.14 -5.38
C PHE B 162 12.69 -0.93 -4.73
N SER B 163 11.56 -0.27 -4.46
CA SER B 163 10.40 -0.98 -3.90
C SER B 163 9.97 -2.15 -4.80
N LEU B 164 9.71 -1.85 -6.06
CA LEU B 164 9.19 -2.87 -6.98
C LEU B 164 10.21 -3.97 -7.30
N ILE B 165 11.50 -3.67 -7.43
CA ILE B 165 12.46 -4.74 -7.70
C ILE B 165 12.57 -5.69 -6.50
N SER B 166 12.44 -5.15 -5.29
CA SER B 166 12.57 -5.98 -4.09
C SER B 166 11.52 -7.11 -4.10
N SER B 167 10.29 -6.76 -4.43
CA SER B 167 9.24 -7.77 -4.53
C SER B 167 9.21 -8.56 -5.82
N ILE B 168 9.46 -7.94 -6.96
N ILE B 168 9.45 -7.91 -6.97
CA ILE B 168 9.45 -8.72 -8.21
CA ILE B 168 9.47 -8.65 -8.25
C ILE B 168 10.56 -9.77 -8.24
C ILE B 168 10.54 -9.75 -8.23
N SER B 169 11.73 -9.39 -7.74
CA SER B 169 12.84 -10.32 -7.66
C SER B 169 12.59 -11.46 -6.64
N SER B 170 11.55 -11.30 -5.82
CA SER B 170 11.13 -12.37 -4.92
C SER B 170 10.06 -13.23 -5.56
N LEU B 171 9.10 -12.58 -6.21
CA LEU B 171 8.04 -13.30 -6.89
C LEU B 171 8.51 -14.28 -7.94
N VAL B 172 9.69 -14.04 -8.51
CA VAL B 172 10.22 -14.97 -9.52
C VAL B 172 10.49 -16.34 -8.92
N ALA B 173 10.52 -16.45 -7.58
CA ALA B 173 10.64 -17.73 -6.90
C ALA B 173 9.46 -18.59 -7.25
N PHE B 174 8.31 -17.95 -7.43
CA PHE B 174 7.06 -18.64 -7.69
C PHE B 174 6.78 -18.72 -9.19
N VAL B 175 6.95 -17.60 -9.86
CA VAL B 175 6.70 -17.52 -11.31
C VAL B 175 7.83 -16.76 -11.99
N PRO B 176 8.76 -17.48 -12.65
CA PRO B 176 9.80 -16.73 -13.35
C PRO B 176 9.18 -15.78 -14.35
N VAL B 177 9.83 -14.64 -14.60
CA VAL B 177 9.35 -13.71 -15.61
C VAL B 177 9.67 -14.20 -17.02
N ASP B 178 8.63 -14.46 -17.80
CA ASP B 178 8.77 -14.86 -19.21
C ASP B 178 9.31 -13.66 -20.00
N ALA B 179 10.57 -13.73 -20.42
CA ALA B 179 11.19 -12.58 -21.05
C ALA B 179 10.56 -12.21 -22.42
N ALA B 180 9.94 -13.19 -23.07
CA ALA B 180 9.28 -12.93 -24.36
C ALA B 180 7.99 -12.15 -24.16
N LYS B 181 7.27 -12.51 -23.11
CA LYS B 181 6.00 -11.89 -22.82
C LYS B 181 6.19 -10.54 -22.16
N TYR B 182 7.25 -10.42 -21.36
CA TYR B 182 7.52 -9.24 -20.54
C TYR B 182 8.86 -8.61 -20.93
N PRO B 183 8.96 -8.09 -22.17
CA PRO B 183 10.31 -7.63 -22.53
C PRO B 183 10.76 -6.38 -21.75
N LYS B 184 9.85 -5.46 -21.45
CA LYS B 184 10.24 -4.23 -20.78
C LYS B 184 10.53 -4.50 -19.32
N LEU B 185 9.69 -5.31 -18.67
CA LEU B 185 9.94 -5.75 -17.32
C LEU B 185 11.28 -6.49 -17.20
N SER B 186 11.56 -7.37 -18.16
CA SER B 186 12.82 -8.11 -18.15
C SER B 186 14.03 -7.17 -18.31
N ALA B 187 13.92 -6.22 -19.24
CA ALA B 187 15.00 -5.26 -19.45
C ALA B 187 15.25 -4.39 -18.23
N TRP B 188 14.18 -4.05 -17.51
CA TRP B 188 14.30 -3.22 -16.32
C TRP B 188 15.01 -3.97 -15.20
N ILE B 189 14.64 -5.25 -15.03
CA ILE B 189 15.37 -6.08 -14.06
C ILE B 189 16.86 -6.13 -14.43
N LYS B 190 17.14 -6.36 -15.71
CA LYS B 190 18.53 -6.47 -16.17
C LYS B 190 19.31 -5.19 -15.90
N ARG B 191 18.62 -4.07 -16.06
CA ARG B 191 19.24 -2.77 -15.84
C ARG B 191 19.59 -2.60 -14.37
N LEU B 192 18.64 -2.89 -13.48
CA LEU B 192 18.88 -2.75 -12.07
C LEU B 192 19.95 -3.71 -11.56
N GLU B 193 20.07 -4.87 -12.19
CA GLU B 193 21.07 -5.86 -11.80
C GLU B 193 22.48 -5.32 -11.96
N GLN B 194 22.60 -4.25 -12.73
CA GLN B 194 23.90 -3.66 -13.00
C GLN B 194 24.28 -2.52 -12.05
N LEU B 195 23.41 -2.14 -11.14
CA LEU B 195 23.77 -1.13 -10.15
C LEU B 195 24.94 -1.65 -9.33
N PRO B 196 25.86 -0.76 -8.96
CA PRO B 196 27.03 -1.26 -8.23
C PRO B 196 26.67 -1.85 -6.88
N TYR B 197 25.51 -1.50 -6.34
CA TYR B 197 25.10 -2.00 -5.01
C TYR B 197 23.94 -3.01 -5.09
N TYR B 198 23.73 -3.59 -6.28
CA TYR B 198 22.60 -4.50 -6.44
C TYR B 198 22.65 -5.73 -5.52
N ALA B 199 23.84 -6.15 -5.10
CA ALA B 199 23.90 -7.25 -4.14
C ALA B 199 23.13 -7.03 -2.85
N GLU B 200 22.85 -5.79 -2.50
CA GLU B 200 21.99 -5.48 -1.34
C GLU B 200 20.57 -6.02 -1.57
N ASN B 201 20.21 -6.20 -2.84
CA ASN B 201 19.01 -6.92 -3.15
C ASN B 201 19.24 -8.37 -3.55
N SER B 202 20.23 -8.63 -4.38
CA SER B 202 20.31 -9.99 -4.92
C SER B 202 20.63 -11.05 -3.89
N THR B 203 21.41 -10.71 -2.88
CA THR B 203 21.79 -11.71 -1.87
C THR B 203 20.56 -12.24 -1.14
N GLY B 204 19.74 -11.34 -0.59
CA GLY B 204 18.53 -11.72 0.10
C GLY B 204 17.46 -12.26 -0.83
N ALA B 205 17.38 -11.76 -2.06
CA ALA B 205 16.41 -12.30 -3.04
C ALA B 205 16.74 -13.77 -3.29
N GLN B 206 18.03 -14.10 -3.42
CA GLN B 206 18.42 -15.49 -3.61
C GLN B 206 18.09 -16.34 -2.40
N GLN B 207 18.21 -15.76 -1.21
CA GLN B 207 17.80 -16.47 0.02
C GLN B 207 16.29 -16.72 0.03
N PHE B 208 15.51 -15.73 -0.39
CA PHE B 208 14.06 -15.88 -0.45
C PHE B 208 13.73 -16.99 -1.46
N VAL B 209 14.34 -16.92 -2.64
CA VAL B 209 14.09 -17.94 -3.65
C VAL B 209 14.41 -19.33 -3.14
N ALA B 210 15.55 -19.47 -2.47
CA ALA B 210 15.96 -20.76 -1.91
C ALA B 210 14.95 -21.28 -0.90
N ALA B 211 14.47 -20.40 -0.03
CA ALA B 211 13.47 -20.81 0.94
C ALA B 211 12.19 -21.28 0.25
N VAL B 212 11.75 -20.56 -0.77
CA VAL B 212 10.57 -20.99 -1.53
C VAL B 212 10.77 -22.31 -2.28
N LYS B 213 11.90 -22.47 -2.96
CA LYS B 213 12.15 -23.72 -3.68
C LYS B 213 12.17 -24.94 -2.76
N SER B 214 12.52 -24.70 -1.50
N SER B 214 12.53 -24.76 -1.49
CA SER B 214 12.59 -25.73 -0.47
CA SER B 214 12.59 -25.88 -0.57
C SER B 214 11.22 -26.27 -0.10
C SER B 214 11.20 -26.28 -0.04
N LYS B 215 10.18 -25.51 -0.40
CA LYS B 215 8.82 -25.79 0.04
C LYS B 215 7.92 -25.93 -1.18
N PRO B 216 8.04 -27.05 -1.90
CA PRO B 216 7.26 -27.24 -3.13
C PRO B 216 5.75 -27.34 -2.87
N PHE B 217 4.99 -27.02 -3.91
CA PHE B 217 3.54 -27.05 -3.84
C PHE B 217 2.97 -27.24 -5.23
N THR B 218 1.72 -27.65 -5.29
CA THR B 218 1.02 -27.77 -6.56
C THR B 218 -0.10 -26.74 -6.57
N VAL B 219 -0.76 -26.58 -7.72
CA VAL B 219 -1.80 -25.57 -7.85
C VAL B 219 -3.09 -26.14 -8.41
N1 GSH C . -4.46 1.63 -4.26
CA1 GSH C . -5.58 2.23 -5.00
C1 GSH C . -6.03 3.52 -4.37
O11 GSH C . -5.82 3.77 -3.14
O12 GSH C . -6.59 4.36 -5.13
CB1 GSH C . -6.73 1.26 -5.14
CG1 GSH C . -7.52 1.54 -6.43
CD1 GSH C . -8.54 0.43 -6.62
OE1 GSH C . -8.32 -0.77 -6.45
N2 GSH C . -9.86 0.85 -7.00
CA2 GSH C . -10.94 -0.09 -7.23
C2 GSH C . -11.10 -0.17 -8.71
O2 GSH C . -10.86 0.78 -9.48
CB2 GSH C . -12.24 0.40 -6.66
SG2 GSH C . -12.38 0.19 -4.89
N3 GSH C . -11.53 -1.42 -9.28
CA3 GSH C . -11.71 -1.53 -10.71
C3 GSH C . -10.71 -2.46 -11.33
O31 GSH C . -9.70 -2.87 -10.67
O32 GSH C . -10.92 -2.82 -12.52
N1 GSH D . 4.50 -3.37 3.06
CA1 GSH D . 5.21 -3.34 4.35
C1 GSH D . 6.51 -2.57 4.16
O11 GSH D . 7.36 -2.40 5.09
O12 GSH D . 6.71 -2.12 3.01
CB1 GSH D . 5.47 -4.78 4.66
CG1 GSH D . 5.98 -5.04 6.07
CD1 GSH D . 5.85 -6.56 6.30
OE1 GSH D . 4.78 -7.15 6.21
N2 GSH D . 7.08 -7.26 6.58
CA2 GSH D . 7.03 -8.69 6.81
C2 GSH D . 7.02 -8.92 8.29
O2 GSH D . 7.58 -8.19 9.08
CB2 GSH D . 8.30 -9.32 6.30
SG2 GSH D . 8.26 -9.43 4.52
N3 GSH D . 6.31 -10.10 8.78
CA3 GSH D . 6.39 -10.29 10.22
C3 GSH D . 5.01 -10.29 10.79
O31 GSH D . 4.85 -10.76 11.94
O32 GSH D . 4.04 -9.83 10.14
#